data_4OCC
#
_entry.id   4OCC
#
_cell.length_a   56.584
_cell.length_b   98.785
_cell.length_c   106.819
_cell.angle_alpha   90
_cell.angle_beta   90
_cell.angle_gamma   90
#
_symmetry.space_group_name_H-M   'C 2 2 21'
#
loop_
_entity.id
_entity.type
_entity.pdbx_description
1 polymer 'E3 ubiquitin-protein ligase Mdm2'
2 non-polymer '[(2R,5R,6R)-4-[(2S)-1-(tert-butylsulfonyl)butan-2-yl]-6-(3-chlorophenyl)-5-(4-chlorophenyl)-3-oxomorpholin-2-yl]acetic acid'
3 water water
#
_entity_poly.entity_id   1
_entity_poly.type   'polypeptide(L)'
_entity_poly.pdbx_seq_one_letter_code
;GSQIPASEQETLVRPKPLLLKLLKSVGAQKDTYTMKEVLFYLGQYIMTKRLYDEKQQHIVYCSNDLLGDLFGVPSFSVKE
HRKIYTMIYRNLVVVN
;
_entity_poly.pdbx_strand_id   A,C,E
#
loop_
_chem_comp.id
_chem_comp.type
_chem_comp.name
_chem_comp.formula
2TZ non-polymer '[(2R,5R,6R)-4-[(2S)-1-(tert-butylsulfonyl)butan-2-yl]-6-(3-chlorophenyl)-5-(4-chlorophenyl)-3-oxomorpholin-2-yl]acetic acid' 'C26 H31 Cl2 N O6 S'
#
# COMPACT_ATOMS: atom_id res chain seq x y z
N GLN A 3 19.86 22.43 -6.03
CA GLN A 3 20.32 22.25 -4.61
C GLN A 3 20.15 20.80 -4.10
N ILE A 4 18.93 20.30 -4.18
CA ILE A 4 18.62 18.94 -3.74
C ILE A 4 18.71 17.97 -4.90
N PRO A 5 19.68 17.05 -4.84
CA PRO A 5 19.88 16.05 -5.90
C PRO A 5 18.77 15.00 -5.90
N ALA A 6 18.40 14.55 -7.08
CA ALA A 6 17.35 13.56 -7.19
C ALA A 6 17.76 12.23 -6.56
N SER A 7 19.05 11.98 -6.43
CA SER A 7 19.51 10.73 -5.84
C SER A 7 19.06 10.59 -4.38
N GLU A 8 18.86 11.73 -3.72
CA GLU A 8 18.43 11.74 -2.32
C GLU A 8 17.12 11.01 -2.12
N GLN A 9 16.27 11.02 -3.13
CA GLN A 9 15.00 10.35 -2.98
C GLN A 9 15.08 8.85 -3.04
N GLU A 10 16.23 8.33 -3.42
CA GLU A 10 16.40 6.89 -3.50
C GLU A 10 16.99 6.33 -2.20
N THR A 11 17.45 7.21 -1.32
CA THR A 11 18.05 6.77 -0.06
C THR A 11 17.05 6.09 0.90
N LEU A 12 17.57 5.18 1.71
CA LEU A 12 16.76 4.38 2.63
C LEU A 12 16.72 4.87 4.07
N VAL A 13 15.51 4.99 4.60
CA VAL A 13 15.33 5.50 5.96
C VAL A 13 14.28 4.74 6.77
N ARG A 14 14.35 4.88 8.09
CA ARG A 14 13.38 4.23 8.96
C ARG A 14 12.76 5.29 9.85
N PRO A 15 11.45 5.54 9.69
CA PRO A 15 10.76 6.55 10.49
C PRO A 15 10.67 6.19 11.97
N LYS A 16 10.78 7.20 12.82
CA LYS A 16 10.65 6.99 14.25
C LYS A 16 9.16 6.74 14.49
N PRO A 17 8.79 6.25 15.69
CA PRO A 17 7.39 5.95 16.02
C PRO A 17 6.28 6.95 15.62
N LEU A 18 6.45 8.22 15.96
CA LEU A 18 5.44 9.22 15.63
C LEU A 18 5.27 9.42 14.13
N LEU A 19 6.39 9.51 13.42
CA LEU A 19 6.31 9.68 11.98
C LEU A 19 5.66 8.45 11.36
N LEU A 20 6.04 7.27 11.85
CA LEU A 20 5.47 6.02 11.33
C LEU A 20 3.95 5.99 11.51
N LYS A 21 3.49 6.53 12.64
CA LYS A 21 2.06 6.59 12.92
C LYS A 21 1.34 7.43 11.87
N LEU A 22 1.96 8.53 11.46
CA LEU A 22 1.38 9.41 10.46
C LEU A 22 1.37 8.72 9.10
N LEU A 23 2.52 8.17 8.72
CA LEU A 23 2.68 7.47 7.44
C LEU A 23 1.67 6.33 7.30
N LYS A 24 1.42 5.59 8.39
CA LYS A 24 0.49 4.45 8.37
C LYS A 24 -0.95 4.79 8.04
N SER A 25 -1.29 6.08 8.15
CA SER A 25 -2.65 6.50 7.86
C SER A 25 -2.88 6.71 6.36
N VAL A 26 -1.79 6.65 5.60
CA VAL A 26 -1.85 6.83 4.15
C VAL A 26 -1.18 5.74 3.33
N GLY A 27 -0.27 4.99 3.95
CA GLY A 27 0.42 3.94 3.22
C GLY A 27 0.66 2.71 4.08
N ALA A 28 1.04 1.60 3.46
CA ALA A 28 1.30 0.37 4.20
C ALA A 28 2.55 0.54 5.06
N GLN A 29 2.55 -0.10 6.23
CA GLN A 29 3.71 -0.02 7.11
C GLN A 29 4.86 -0.82 6.52
N LYS A 30 6.06 -0.25 6.53
CA LYS A 30 7.27 -0.90 6.03
C LYS A 30 8.40 -0.72 7.03
N ASP A 31 9.37 -1.63 7.02
CA ASP A 31 10.48 -1.49 7.95
C ASP A 31 11.46 -0.44 7.46
N THR A 32 11.61 -0.35 6.15
CA THR A 32 12.51 0.59 5.50
C THR A 32 11.83 1.26 4.32
N TYR A 33 11.86 2.58 4.29
CA TYR A 33 11.26 3.34 3.22
C TYR A 33 12.34 4.07 2.44
N THR A 34 11.99 4.48 1.22
CA THR A 34 12.89 5.27 0.39
C THR A 34 12.38 6.68 0.70
N MET A 35 13.20 7.71 0.55
CA MET A 35 12.70 9.05 0.84
C MET A 35 11.55 9.41 -0.10
N LYS A 36 11.57 8.89 -1.32
CA LYS A 36 10.48 9.18 -2.25
C LYS A 36 9.17 8.75 -1.59
N GLU A 37 9.18 7.59 -0.96
CA GLU A 37 7.99 7.07 -0.29
C GLU A 37 7.61 7.99 0.87
N VAL A 38 8.58 8.32 1.72
CA VAL A 38 8.29 9.19 2.85
C VAL A 38 7.71 10.52 2.40
N LEU A 39 8.28 11.10 1.34
CA LEU A 39 7.80 12.37 0.84
C LEU A 39 6.38 12.28 0.28
N PHE A 40 6.09 11.20 -0.44
CA PHE A 40 4.75 11.06 -0.99
C PHE A 40 3.71 10.86 0.11
N TYR A 41 3.97 9.92 1.01
CA TYR A 41 3.02 9.65 2.07
C TYR A 41 2.79 10.88 2.95
N LEU A 42 3.85 11.62 3.23
CA LEU A 42 3.71 12.82 4.02
C LEU A 42 2.89 13.83 3.24
N GLY A 43 3.20 13.95 1.95
CA GLY A 43 2.46 14.88 1.11
C GLY A 43 1.01 14.48 0.96
N GLN A 44 0.76 13.17 0.86
CA GLN A 44 -0.61 12.69 0.71
C GLN A 44 -1.42 12.91 1.98
N TYR A 45 -0.75 12.76 3.12
CA TYR A 45 -1.39 12.97 4.42
C TYR A 45 -1.87 14.41 4.49
N ILE A 46 -0.99 15.33 4.10
CA ILE A 46 -1.31 16.75 4.12
C ILE A 46 -2.49 17.12 3.20
N MET A 47 -2.55 16.50 2.03
CA MET A 47 -3.63 16.78 1.09
C MET A 47 -4.96 16.16 1.48
N THR A 48 -4.95 14.92 1.96
CA THR A 48 -6.21 14.29 2.32
C THR A 48 -6.82 14.92 3.56
N LYS A 49 -5.96 15.42 4.44
CA LYS A 49 -6.43 16.07 5.68
C LYS A 49 -6.63 17.56 5.44
N ARG A 50 -6.37 17.98 4.21
CA ARG A 50 -6.55 19.36 3.80
C ARG A 50 -5.78 20.37 4.71
N LEU A 51 -4.57 20.00 5.13
CA LEU A 51 -3.77 20.89 5.96
C LEU A 51 -3.13 21.93 5.05
N TYR A 52 -3.23 21.66 3.75
CA TYR A 52 -2.70 22.52 2.70
C TYR A 52 -3.82 22.80 1.72
N ASP A 53 -4.26 24.05 1.69
CA ASP A 53 -5.32 24.51 0.78
C ASP A 53 -4.57 25.33 -0.25
N GLU A 54 -4.61 24.89 -1.49
CA GLU A 54 -3.90 25.58 -2.53
C GLU A 54 -4.39 27.04 -2.68
N LYS A 55 -5.47 27.36 -1.97
CA LYS A 55 -6.00 28.71 -1.97
C LYS A 55 -5.22 29.56 -0.96
N GLN A 56 -4.44 28.94 -0.09
CA GLN A 56 -3.71 29.70 0.92
C GLN A 56 -2.19 29.88 0.74
N GLN A 57 -1.81 30.29 -0.47
CA GLN A 57 -0.43 30.61 -0.81
C GLN A 57 0.71 29.74 -0.29
N HIS A 58 0.70 28.48 -0.71
CA HIS A 58 1.74 27.53 -0.40
C HIS A 58 2.03 27.17 1.05
N ILE A 59 1.24 27.66 1.99
CA ILE A 59 1.54 27.34 3.38
C ILE A 59 0.68 26.23 3.97
N VAL A 60 1.33 25.32 4.68
CA VAL A 60 0.64 24.22 5.33
C VAL A 60 0.44 24.64 6.78
N TYR A 61 -0.80 24.53 7.26
CA TYR A 61 -1.12 24.89 8.63
C TYR A 61 -1.32 23.60 9.40
N CYS A 62 -0.48 23.38 10.40
CA CYS A 62 -0.51 22.13 11.14
C CYS A 62 -0.46 22.23 12.66
N SER A 63 -0.79 23.39 13.22
CA SER A 63 -0.73 23.53 14.66
C SER A 63 -1.82 22.74 15.39
N ASN A 64 -2.83 22.32 14.63
CA ASN A 64 -3.94 21.54 15.18
C ASN A 64 -3.85 20.09 14.70
N ASP A 65 -2.62 19.66 14.40
CA ASP A 65 -2.41 18.31 13.90
C ASP A 65 -1.12 17.70 14.43
N LEU A 66 -1.08 16.37 14.43
CA LEU A 66 0.11 15.66 14.88
C LEU A 66 1.31 16.12 14.05
N LEU A 67 1.05 16.48 12.80
CA LEU A 67 2.15 16.92 11.93
C LEU A 67 2.91 18.09 12.55
N GLY A 68 2.16 18.96 13.24
CA GLY A 68 2.78 20.10 13.87
C GLY A 68 3.68 19.66 15.01
N ASP A 69 3.29 18.59 15.70
CA ASP A 69 4.08 18.06 16.79
C ASP A 69 5.36 17.44 16.24
N LEU A 70 5.24 16.80 15.08
CA LEU A 70 6.36 16.14 14.40
C LEU A 70 7.43 17.13 13.92
N PHE A 71 6.97 18.20 13.26
CA PHE A 71 7.85 19.22 12.72
C PHE A 71 8.23 20.34 13.69
N GLY A 72 7.52 20.44 14.81
CA GLY A 72 7.85 21.49 15.77
C GLY A 72 7.56 22.90 15.28
N VAL A 73 6.64 23.04 14.33
CA VAL A 73 6.26 24.36 13.81
C VAL A 73 4.75 24.42 13.60
N PRO A 74 4.16 25.62 13.67
CA PRO A 74 2.71 25.74 13.46
C PRO A 74 2.33 25.76 11.98
N SER A 75 3.29 26.05 11.12
CA SER A 75 3.06 26.11 9.68
C SER A 75 4.39 26.13 8.95
N PHE A 76 4.34 25.93 7.64
CA PHE A 76 5.54 25.96 6.80
C PHE A 76 5.16 26.02 5.34
N SER A 77 6.06 26.51 4.50
CA SER A 77 5.83 26.62 3.06
C SER A 77 6.18 25.33 2.34
N VAL A 78 5.30 24.91 1.42
CA VAL A 78 5.54 23.70 0.67
C VAL A 78 6.66 23.88 -0.35
N LYS A 79 7.07 25.13 -0.57
CA LYS A 79 8.10 25.45 -1.54
C LYS A 79 9.52 25.56 -0.94
N GLU A 80 9.62 25.56 0.39
CA GLU A 80 10.92 25.64 1.03
C GLU A 80 11.34 24.22 1.40
N HIS A 81 11.77 23.49 0.37
CA HIS A 81 12.17 22.10 0.49
C HIS A 81 13.34 21.78 1.41
N ARG A 82 14.37 22.62 1.40
CA ARG A 82 15.51 22.39 2.27
C ARG A 82 15.04 22.30 3.72
N LYS A 83 14.19 23.21 4.16
CA LYS A 83 13.69 23.18 5.53
C LYS A 83 12.83 21.96 5.81
N ILE A 84 12.07 21.52 4.81
CA ILE A 84 11.22 20.35 4.96
C ILE A 84 12.09 19.11 5.18
N TYR A 85 13.12 18.96 4.38
CA TYR A 85 14.01 17.82 4.55
C TYR A 85 14.60 17.77 5.97
N THR A 86 15.01 18.93 6.46
CA THR A 86 15.61 19.01 7.79
C THR A 86 14.61 18.61 8.86
N MET A 87 13.36 19.05 8.69
CA MET A 87 12.35 18.70 9.68
C MET A 87 12.04 17.20 9.64
N ILE A 88 12.00 16.64 8.44
CA ILE A 88 11.74 15.21 8.30
C ILE A 88 12.86 14.37 8.90
N TYR A 89 14.11 14.76 8.66
CA TYR A 89 15.21 13.95 9.18
C TYR A 89 15.31 13.91 10.69
N ARG A 90 14.67 14.87 11.36
CA ARG A 90 14.70 14.88 12.80
C ARG A 90 13.85 13.69 13.26
N ASN A 91 12.98 13.23 12.36
CA ASN A 91 12.06 12.14 12.65
C ASN A 91 12.35 10.78 12.00
N LEU A 92 13.59 10.55 11.60
CA LEU A 92 13.90 9.26 11.00
C LEU A 92 15.35 8.91 11.25
N VAL A 93 15.71 7.67 10.93
CA VAL A 93 17.07 7.18 11.10
C VAL A 93 17.48 6.58 9.77
N VAL A 94 18.62 7.02 9.25
CA VAL A 94 19.10 6.53 7.98
C VAL A 94 19.56 5.08 8.11
N VAL A 95 19.27 4.31 7.07
CA VAL A 95 19.68 2.92 6.96
C VAL A 95 21.03 2.98 6.28
N ILE B 4 -8.89 -24.94 -5.20
CA ILE B 4 -8.76 -23.62 -4.51
C ILE B 4 -9.32 -22.47 -5.33
N PRO B 5 -10.02 -21.54 -4.69
CA PRO B 5 -10.58 -20.40 -5.40
C PRO B 5 -9.55 -19.30 -5.67
N ALA B 6 -9.62 -18.69 -6.86
CA ALA B 6 -8.67 -17.63 -7.23
C ALA B 6 -8.66 -16.55 -6.17
N SER B 7 -9.84 -16.29 -5.60
CA SER B 7 -9.96 -15.28 -4.57
C SER B 7 -9.05 -15.53 -3.37
N GLU B 8 -8.67 -16.79 -3.16
CA GLU B 8 -7.81 -17.15 -2.02
C GLU B 8 -6.48 -16.39 -2.05
N GLN B 9 -5.93 -16.13 -3.22
CA GLN B 9 -4.66 -15.41 -3.23
C GLN B 9 -4.75 -13.90 -2.96
N GLU B 10 -5.96 -13.37 -2.84
CA GLU B 10 -6.17 -11.95 -2.56
C GLU B 10 -6.47 -11.67 -1.09
N THR B 11 -6.71 -12.73 -0.32
CA THR B 11 -7.03 -12.59 1.09
C THR B 11 -5.93 -11.83 1.82
N LEU B 12 -6.34 -10.85 2.63
CA LEU B 12 -5.39 -10.06 3.39
C LEU B 12 -5.16 -10.73 4.74
N VAL B 13 -3.89 -10.87 5.11
CA VAL B 13 -3.55 -11.54 6.35
C VAL B 13 -2.41 -10.86 7.11
N ARG B 14 -2.32 -11.16 8.40
CA ARG B 14 -1.26 -10.64 9.24
C ARG B 14 -0.50 -11.83 9.82
N PRO B 15 0.68 -12.13 9.26
CA PRO B 15 1.47 -13.27 9.76
C PRO B 15 1.87 -13.14 11.22
N LYS B 16 1.84 -14.25 11.93
CA LYS B 16 2.25 -14.27 13.33
C LYS B 16 3.77 -14.06 13.34
N PRO B 17 4.34 -13.76 14.52
CA PRO B 17 5.79 -13.53 14.67
C PRO B 17 6.76 -14.42 13.90
N LEU B 18 6.62 -15.74 14.05
CA LEU B 18 7.50 -16.69 13.37
C LEU B 18 7.42 -16.61 11.85
N LEU B 19 6.22 -16.69 11.29
CA LEU B 19 6.08 -16.61 9.84
C LEU B 19 6.60 -15.26 9.34
N LEU B 20 6.28 -14.20 10.05
CA LEU B 20 6.72 -12.87 9.64
C LEU B 20 8.24 -12.84 9.50
N LYS B 21 8.92 -13.49 10.45
CA LYS B 21 10.38 -13.56 10.45
C LYS B 21 10.87 -14.21 9.17
N LEU B 22 10.23 -15.30 8.78
CA LEU B 22 10.60 -16.02 7.56
C LEU B 22 10.44 -15.15 6.33
N LEU B 23 9.31 -14.44 6.23
CA LEU B 23 9.04 -13.59 5.08
C LEU B 23 10.04 -12.46 4.96
N LYS B 24 10.29 -11.79 6.09
CA LYS B 24 11.22 -10.69 6.09
C LYS B 24 12.67 -11.12 5.79
N SER B 25 12.98 -12.40 6.00
CA SER B 25 14.33 -12.88 5.74
C SER B 25 14.67 -12.89 4.25
N VAL B 26 13.65 -12.87 3.41
CA VAL B 26 13.86 -12.84 1.96
C VAL B 26 13.47 -11.49 1.37
N GLY B 27 13.42 -10.47 2.22
CA GLY B 27 13.12 -9.14 1.74
C GLY B 27 11.74 -8.55 1.98
N ALA B 28 10.77 -9.35 2.42
CA ALA B 28 9.43 -8.82 2.67
C ALA B 28 9.59 -7.60 3.59
N GLN B 29 8.83 -6.54 3.34
CA GLN B 29 8.98 -5.33 4.14
C GLN B 29 7.80 -4.94 5.03
N LYS B 30 6.69 -5.66 4.92
CA LYS B 30 5.48 -5.30 5.66
C LYS B 30 5.00 -6.23 6.76
N ASP B 31 3.89 -5.86 7.39
CA ASP B 31 3.32 -6.68 8.45
C ASP B 31 1.96 -7.26 8.05
N THR B 32 1.41 -6.75 6.97
CA THR B 32 0.13 -7.22 6.45
C THR B 32 0.34 -7.51 4.96
N TYR B 33 -0.09 -8.69 4.52
CA TYR B 33 0.10 -9.11 3.13
C TYR B 33 -1.13 -9.74 2.50
N THR B 34 -1.04 -9.96 1.19
CA THR B 34 -2.08 -10.67 0.46
C THR B 34 -1.51 -12.10 0.51
N MET B 35 -2.35 -13.11 0.37
CA MET B 35 -1.82 -14.47 0.39
C MET B 35 -0.86 -14.72 -0.78
N LYS B 36 -1.07 -13.98 -1.88
CA LYS B 36 -0.21 -14.11 -3.05
C LYS B 36 1.22 -13.79 -2.61
N GLU B 37 1.37 -12.72 -1.83
CA GLU B 37 2.69 -12.31 -1.33
C GLU B 37 3.28 -13.35 -0.38
N VAL B 38 2.47 -13.81 0.57
CA VAL B 38 2.95 -14.81 1.52
C VAL B 38 3.48 -16.03 0.80
N LEU B 39 2.70 -16.54 -0.13
CA LEU B 39 3.11 -17.71 -0.88
C LEU B 39 4.37 -17.46 -1.70
N PHE B 40 4.49 -16.27 -2.29
CA PHE B 40 5.68 -15.96 -3.07
C PHE B 40 6.92 -15.86 -2.19
N TYR B 41 6.83 -15.09 -1.10
CA TYR B 41 7.97 -14.94 -0.21
C TYR B 41 8.37 -16.26 0.45
N LEU B 42 7.39 -17.13 0.74
CA LEU B 42 7.71 -18.43 1.33
C LEU B 42 8.37 -19.28 0.26
N GLY B 43 7.88 -19.16 -0.98
CA GLY B 43 8.47 -19.90 -2.07
C GLY B 43 9.93 -19.50 -2.21
N GLN B 44 10.19 -18.20 -2.11
CA GLN B 44 11.55 -17.68 -2.20
C GLN B 44 12.41 -18.24 -1.07
N TYR B 45 11.86 -18.25 0.13
CA TYR B 45 12.57 -18.76 1.30
C TYR B 45 12.99 -20.19 1.05
N ILE B 46 12.07 -21.00 0.56
CA ILE B 46 12.32 -22.40 0.28
C ILE B 46 13.38 -22.60 -0.81
N MET B 47 13.30 -21.81 -1.88
CA MET B 47 14.27 -21.93 -2.97
C MET B 47 15.65 -21.43 -2.59
N THR B 48 15.71 -20.24 -2.00
CA THR B 48 16.99 -19.65 -1.60
C THR B 48 17.76 -20.47 -0.57
N LYS B 49 17.04 -21.18 0.30
CA LYS B 49 17.71 -21.98 1.30
C LYS B 49 17.87 -23.41 0.79
N ARG B 50 17.41 -23.62 -0.43
CA ARG B 50 17.50 -24.91 -1.10
C ARG B 50 16.84 -26.08 -0.36
N LEU B 51 15.69 -25.81 0.26
CA LEU B 51 14.96 -26.86 0.98
C LEU B 51 14.18 -27.69 -0.05
N TYR B 52 14.11 -27.18 -1.27
CA TYR B 52 13.42 -27.87 -2.36
C TYR B 52 14.23 -27.76 -3.65
N ASP B 53 14.35 -28.91 -4.33
CA ASP B 53 15.10 -29.04 -5.59
C ASP B 53 14.13 -29.71 -6.56
N GLU B 54 13.75 -29.01 -7.63
CA GLU B 54 12.81 -29.55 -8.62
C GLU B 54 13.19 -30.96 -9.08
N LYS B 55 14.44 -31.37 -8.89
CA LYS B 55 14.87 -32.69 -9.29
C LYS B 55 14.38 -33.76 -8.32
N GLN B 56 13.93 -33.33 -7.15
CA GLN B 56 13.48 -34.30 -6.14
C GLN B 56 11.98 -34.49 -5.91
N GLN B 57 11.27 -34.93 -6.94
CA GLN B 57 9.82 -35.21 -6.87
C GLN B 57 8.86 -34.30 -6.08
N HIS B 58 8.91 -33.00 -6.29
CA HIS B 58 7.97 -32.10 -5.63
C HIS B 58 8.04 -32.00 -4.10
N ILE B 59 9.11 -32.47 -3.48
CA ILE B 59 9.15 -32.42 -2.01
C ILE B 59 10.11 -31.44 -1.34
N VAL B 60 9.58 -30.73 -0.35
CA VAL B 60 10.34 -29.76 0.42
C VAL B 60 10.78 -30.49 1.70
N TYR B 61 12.07 -30.44 2.00
CA TYR B 61 12.62 -31.09 3.19
C TYR B 61 12.96 -30.00 4.20
N CYS B 62 12.21 -29.97 5.29
CA CYS B 62 12.38 -28.91 6.28
C CYS B 62 12.45 -29.37 7.73
N SER B 63 12.90 -30.61 7.95
CA SER B 63 12.98 -31.10 9.33
C SER B 63 14.07 -30.41 10.16
N ASN B 64 15.04 -29.81 9.48
CA ASN B 64 16.13 -29.12 10.18
C ASN B 64 16.11 -27.61 9.91
N ASP B 65 14.91 -27.10 9.67
CA ASP B 65 14.71 -25.69 9.39
C ASP B 65 13.53 -25.21 10.21
N LEU B 66 13.51 -23.91 10.49
CA LEU B 66 12.43 -23.32 11.25
C LEU B 66 11.08 -23.52 10.55
N LEU B 67 11.10 -23.65 9.23
CA LEU B 67 9.88 -23.85 8.47
C LEU B 67 9.17 -25.11 8.95
N GLY B 68 9.94 -26.13 9.29
CA GLY B 68 9.35 -27.37 9.77
C GLY B 68 8.64 -27.17 11.09
N ASP B 69 9.16 -26.27 11.92
CA ASP B 69 8.55 -25.97 13.21
C ASP B 69 7.24 -25.25 12.98
N LEU B 70 7.26 -24.28 12.08
CA LEU B 70 6.07 -23.50 11.74
C LEU B 70 4.95 -24.39 11.21
N PHE B 71 5.28 -25.20 10.21
CA PHE B 71 4.30 -26.08 9.58
C PHE B 71 3.96 -27.34 10.36
N GLY B 72 4.85 -27.76 11.24
CA GLY B 72 4.61 -28.96 12.02
C GLY B 72 4.85 -30.26 11.27
N VAL B 73 5.58 -30.19 10.15
CA VAL B 73 5.86 -31.41 9.39
C VAL B 73 7.32 -31.42 8.97
N PRO B 74 7.91 -32.62 8.81
CA PRO B 74 9.31 -32.70 8.41
C PRO B 74 9.50 -32.54 6.89
N SER B 75 8.39 -32.62 6.15
CA SER B 75 8.43 -32.47 4.70
C SER B 75 7.01 -32.35 4.19
N PHE B 76 6.88 -31.91 2.94
CA PHE B 76 5.57 -31.76 2.31
C PHE B 76 5.74 -31.54 0.81
N SER B 77 4.68 -31.79 0.05
CA SER B 77 4.71 -31.62 -1.40
C SER B 77 4.32 -30.22 -1.85
N VAL B 78 5.06 -29.69 -2.82
CA VAL B 78 4.77 -28.37 -3.34
C VAL B 78 3.51 -28.37 -4.22
N LYS B 79 2.99 -29.56 -4.52
CA LYS B 79 1.80 -29.71 -5.36
C LYS B 79 0.49 -29.76 -4.56
N GLU B 80 0.58 -30.08 -3.27
CA GLU B 80 -0.61 -30.18 -2.43
C GLU B 80 -0.95 -28.82 -1.82
N HIS B 81 -1.48 -27.96 -2.67
CA HIS B 81 -1.83 -26.59 -2.30
C HIS B 81 -2.84 -26.38 -1.18
N ARG B 82 -3.88 -27.20 -1.10
CA ARG B 82 -4.85 -27.03 -0.01
C ARG B 82 -4.12 -27.23 1.31
N LYS B 83 -3.35 -28.30 1.40
CA LYS B 83 -2.60 -28.61 2.61
C LYS B 83 -1.66 -27.47 2.97
N ILE B 84 -0.96 -26.93 1.98
CA ILE B 84 -0.04 -25.83 2.24
C ILE B 84 -0.80 -24.64 2.81
N TYR B 85 -1.95 -24.35 2.21
CA TYR B 85 -2.78 -23.24 2.68
C TYR B 85 -3.20 -23.46 4.13
N THR B 86 -3.51 -24.70 4.50
CA THR B 86 -3.93 -25.01 5.85
C THR B 86 -2.81 -24.76 6.85
N MET B 87 -1.60 -25.19 6.51
CA MET B 87 -0.47 -24.98 7.40
C MET B 87 -0.13 -23.51 7.53
N ILE B 88 -0.24 -22.78 6.42
CA ILE B 88 0.06 -21.36 6.46
C ILE B 88 -0.97 -20.58 7.29
N TYR B 89 -2.25 -20.88 7.10
CA TYR B 89 -3.30 -20.18 7.83
C TYR B 89 -3.20 -20.31 9.35
N ARG B 90 -2.55 -21.36 9.83
CA ARG B 90 -2.41 -21.54 11.28
C ARG B 90 -1.35 -20.59 11.81
N ASN B 91 -0.60 -19.99 10.90
CA ASN B 91 0.47 -19.07 11.24
C ASN B 91 0.15 -17.61 10.94
N LEU B 92 -1.13 -17.28 10.89
CA LEU B 92 -1.56 -15.91 10.61
C LEU B 92 -2.96 -15.64 11.13
N VAL B 93 -3.37 -14.37 11.07
CA VAL B 93 -4.70 -13.99 11.48
C VAL B 93 -5.25 -13.20 10.30
N VAL B 94 -6.39 -13.65 9.77
CA VAL B 94 -6.98 -12.98 8.62
C VAL B 94 -7.46 -11.57 8.91
N VAL B 95 -7.28 -10.70 7.93
CA VAL B 95 -7.73 -9.32 8.03
C VAL B 95 -9.07 -9.35 7.30
N GLN C 3 6.23 11.60 -8.80
CA GLN C 3 6.56 11.55 -7.36
C GLN C 3 5.84 10.43 -6.64
N ILE C 4 5.00 9.69 -7.36
CA ILE C 4 4.22 8.60 -6.76
C ILE C 4 5.04 7.31 -6.78
N PRO C 5 5.26 6.70 -5.60
CA PRO C 5 6.04 5.46 -5.52
C PRO C 5 5.24 4.22 -5.89
N ALA C 6 5.95 3.19 -6.36
CA ALA C 6 5.32 1.95 -6.75
C ALA C 6 4.56 1.33 -5.58
N SER C 7 5.05 1.57 -4.37
CA SER C 7 4.45 1.02 -3.18
C SER C 7 3.00 1.48 -2.97
N GLU C 8 2.63 2.60 -3.56
CA GLU C 8 1.26 3.12 -3.41
C GLU C 8 0.19 2.13 -3.83
N GLN C 9 0.50 1.32 -4.84
CA GLN C 9 -0.46 0.33 -5.32
C GLN C 9 -0.72 -0.79 -4.33
N GLU C 10 0.15 -0.93 -3.33
CA GLU C 10 -0.03 -2.00 -2.34
C GLU C 10 -0.71 -1.52 -1.06
N THR C 11 -1.08 -0.26 -1.00
CA THR C 11 -1.76 0.27 0.18
C THR C 11 -3.07 -0.51 0.30
N LEU C 12 -3.37 -0.96 1.52
CA LEU C 12 -4.59 -1.70 1.79
C LEU C 12 -5.66 -0.71 2.22
N VAL C 13 -6.84 -0.80 1.61
CA VAL C 13 -7.89 0.15 1.92
C VAL C 13 -9.29 -0.40 2.15
N ARG C 14 -10.08 0.42 2.87
CA ARG C 14 -11.46 0.13 3.19
C ARG C 14 -12.35 1.25 2.61
N PRO C 15 -12.89 1.03 1.41
CA PRO C 15 -13.75 2.03 0.77
C PRO C 15 -14.98 2.40 1.61
N LYS C 16 -15.27 3.69 1.69
CA LYS C 16 -16.43 4.18 2.43
C LYS C 16 -17.69 3.69 1.69
N PRO C 17 -18.87 3.80 2.33
CA PRO C 17 -20.13 3.35 1.74
C PRO C 17 -20.47 3.63 0.28
N LEU C 18 -20.38 4.89 -0.15
CA LEU C 18 -20.73 5.22 -1.52
C LEU C 18 -19.75 4.68 -2.57
N LEU C 19 -18.46 4.74 -2.29
CA LEU C 19 -17.47 4.20 -3.22
C LEU C 19 -17.61 2.67 -3.27
N LEU C 20 -17.97 2.09 -2.14
CA LEU C 20 -18.12 0.63 -2.08
C LEU C 20 -19.27 0.23 -3.00
N LYS C 21 -20.34 1.01 -2.92
CA LYS C 21 -21.54 0.80 -3.70
C LYS C 21 -21.20 0.93 -5.20
N LEU C 22 -20.25 1.82 -5.53
CA LEU C 22 -19.82 2.02 -6.91
C LEU C 22 -18.98 0.84 -7.40
N LEU C 23 -18.04 0.40 -6.58
CA LEU C 23 -17.16 -0.71 -6.94
C LEU C 23 -17.92 -2.00 -7.19
N LYS C 24 -18.79 -2.37 -6.24
CA LYS C 24 -19.59 -3.58 -6.35
C LYS C 24 -20.37 -3.66 -7.67
N SER C 25 -20.72 -2.51 -8.26
CA SER C 25 -21.47 -2.50 -9.50
C SER C 25 -20.63 -2.94 -10.70
N VAL C 26 -19.31 -3.07 -10.52
CA VAL C 26 -18.42 -3.50 -11.59
C VAL C 26 -17.61 -4.74 -11.20
N GLY C 27 -18.12 -5.52 -10.25
CA GLY C 27 -17.40 -6.72 -9.87
C GLY C 27 -16.80 -6.81 -8.49
N ALA C 28 -16.59 -5.68 -7.82
CA ALA C 28 -16.01 -5.72 -6.48
C ALA C 28 -16.99 -6.42 -5.55
N GLN C 29 -16.49 -7.25 -4.64
CA GLN C 29 -17.38 -7.98 -3.73
C GLN C 29 -16.92 -8.00 -2.27
N LYS C 30 -15.79 -7.37 -1.97
CA LYS C 30 -15.27 -7.38 -0.60
C LYS C 30 -15.26 -6.03 0.11
N ASP C 31 -14.83 -6.03 1.38
CA ASP C 31 -14.80 -4.79 2.16
C ASP C 31 -13.44 -4.12 2.21
N THR C 32 -12.37 -4.90 2.04
CA THR C 32 -11.01 -4.36 2.08
C THR C 32 -10.27 -4.75 0.80
N TYR C 33 -9.55 -3.79 0.23
CA TYR C 33 -8.82 -3.98 -1.03
C TYR C 33 -7.41 -3.40 -1.04
N THR C 34 -6.70 -3.64 -2.13
CA THR C 34 -5.37 -3.06 -2.33
C THR C 34 -5.68 -1.89 -3.24
N MET C 35 -4.87 -0.85 -3.21
CA MET C 35 -5.13 0.30 -4.05
C MET C 35 -5.18 -0.09 -5.53
N LYS C 36 -4.37 -1.07 -5.88
CA LYS C 36 -4.33 -1.53 -7.25
C LYS C 36 -5.71 -2.02 -7.68
N GLU C 37 -6.38 -2.75 -6.80
CA GLU C 37 -7.73 -3.26 -7.11
C GLU C 37 -8.71 -2.10 -7.27
N VAL C 38 -8.69 -1.15 -6.33
CA VAL C 38 -9.58 0.01 -6.40
C VAL C 38 -9.39 0.74 -7.73
N LEU C 39 -8.14 0.93 -8.14
CA LEU C 39 -7.86 1.59 -9.42
C LEU C 39 -8.39 0.76 -10.59
N PHE C 40 -8.29 -0.55 -10.51
CA PHE C 40 -8.78 -1.41 -11.58
C PHE C 40 -10.29 -1.26 -11.73
N TYR C 41 -11.00 -1.42 -10.63
CA TYR C 41 -12.47 -1.33 -10.68
C TYR C 41 -12.94 0.05 -11.11
N LEU C 42 -12.26 1.11 -10.67
CA LEU C 42 -12.66 2.44 -11.07
C LEU C 42 -12.44 2.57 -12.57
N GLY C 43 -11.34 2.01 -13.05
CA GLY C 43 -11.04 2.07 -14.45
C GLY C 43 -12.11 1.37 -15.27
N GLN C 44 -12.54 0.21 -14.79
CA GLN C 44 -13.57 -0.57 -15.48
C GLN C 44 -14.91 0.15 -15.46
N TYR C 45 -15.21 0.81 -14.34
CA TYR C 45 -16.46 1.55 -14.18
C TYR C 45 -16.51 2.68 -15.21
N ILE C 46 -15.42 3.44 -15.29
CA ILE C 46 -15.32 4.55 -16.22
C ILE C 46 -15.47 4.11 -17.68
N MET C 47 -14.78 3.03 -18.03
CA MET C 47 -14.82 2.50 -19.38
C MET C 47 -16.15 1.84 -19.76
N THR C 48 -16.69 1.02 -18.87
CA THR C 48 -17.96 0.36 -19.17
C THR C 48 -19.06 1.39 -19.38
N LYS C 49 -19.05 2.45 -18.58
CA LYS C 49 -20.06 3.48 -18.69
C LYS C 49 -19.69 4.55 -19.71
N ARG C 50 -18.54 4.36 -20.34
CA ARG C 50 -18.03 5.28 -21.35
C ARG C 50 -17.95 6.73 -20.88
N LEU C 51 -17.45 6.93 -19.66
CA LEU C 51 -17.28 8.29 -19.13
C LEU C 51 -15.99 8.84 -19.73
N TYR C 52 -15.15 7.93 -20.19
CA TYR C 52 -13.88 8.28 -20.84
C TYR C 52 -13.83 7.63 -22.22
N ASP C 53 -13.31 8.39 -23.17
CA ASP C 53 -13.23 7.96 -24.55
C ASP C 53 -11.90 8.51 -25.12
N GLU C 54 -11.03 7.61 -25.60
CA GLU C 54 -9.72 7.99 -26.15
C GLU C 54 -9.91 9.09 -27.17
N LYS C 55 -11.11 9.11 -27.74
CA LYS C 55 -11.50 10.07 -28.74
C LYS C 55 -11.77 11.46 -28.16
N GLN C 56 -11.65 11.61 -26.84
CA GLN C 56 -11.92 12.92 -26.23
C GLN C 56 -10.91 13.59 -25.27
N GLN C 57 -9.68 13.82 -25.74
CA GLN C 57 -8.65 14.55 -24.98
C GLN C 57 -8.18 14.16 -23.56
N HIS C 58 -8.18 12.88 -23.20
CA HIS C 58 -7.73 12.44 -21.88
C HIS C 58 -8.66 12.82 -20.71
N ILE C 59 -9.83 13.38 -21.02
CA ILE C 59 -10.76 13.82 -19.98
C ILE C 59 -11.89 12.85 -19.64
N VAL C 60 -12.10 12.66 -18.34
CA VAL C 60 -13.18 11.82 -17.86
C VAL C 60 -14.31 12.77 -17.52
N TYR C 61 -15.47 12.57 -18.12
CA TYR C 61 -16.63 13.44 -17.88
C TYR C 61 -17.58 12.77 -16.92
N CYS C 62 -17.62 13.27 -15.69
CA CYS C 62 -18.48 12.71 -14.65
C CYS C 62 -19.41 13.70 -13.95
N SER C 63 -19.80 14.76 -14.66
CA SER C 63 -20.68 15.78 -14.09
C SER C 63 -22.06 15.25 -13.68
N ASN C 64 -22.55 14.21 -14.34
CA ASN C 64 -23.85 13.66 -13.97
C ASN C 64 -23.75 12.18 -13.67
N ASP C 65 -22.72 11.83 -12.92
CA ASP C 65 -22.49 10.45 -12.53
C ASP C 65 -22.09 10.45 -11.06
N LEU C 66 -22.38 9.34 -10.39
CA LEU C 66 -22.04 9.19 -8.99
C LEU C 66 -20.55 9.46 -8.77
N LEU C 67 -19.73 9.01 -9.73
CA LEU C 67 -18.29 9.20 -9.62
C LEU C 67 -17.93 10.66 -9.41
N GLY C 68 -18.64 11.56 -10.10
CA GLY C 68 -18.38 12.97 -9.96
C GLY C 68 -18.71 13.41 -8.55
N ASP C 69 -19.74 12.82 -7.96
CA ASP C 69 -20.15 13.19 -6.62
C ASP C 69 -19.08 12.72 -5.64
N LEU C 70 -18.58 11.52 -5.87
CA LEU C 70 -17.56 10.95 -5.02
C LEU C 70 -16.26 11.73 -5.09
N PHE C 71 -15.87 12.08 -6.31
CA PHE C 71 -14.63 12.79 -6.50
C PHE C 71 -14.71 14.28 -6.21
N GLY C 72 -15.92 14.83 -6.26
CA GLY C 72 -16.09 16.24 -6.00
C GLY C 72 -15.71 17.15 -7.15
N VAL C 73 -15.73 16.62 -8.38
CA VAL C 73 -15.40 17.40 -9.55
C VAL C 73 -16.28 16.99 -10.74
N PRO C 74 -16.49 17.89 -11.70
CA PRO C 74 -17.31 17.62 -12.88
C PRO C 74 -16.55 16.84 -13.95
N SER C 75 -15.23 16.89 -13.88
CA SER C 75 -14.37 16.19 -14.83
C SER C 75 -12.94 16.22 -14.35
N PHE C 76 -12.11 15.39 -14.94
CA PHE C 76 -10.69 15.36 -14.59
C PHE C 76 -9.90 14.63 -15.67
N SER C 77 -8.59 14.80 -15.65
CA SER C 77 -7.72 14.18 -16.64
C SER C 77 -7.18 12.86 -16.10
N VAL C 78 -7.10 11.86 -16.97
CA VAL C 78 -6.58 10.56 -16.60
C VAL C 78 -5.05 10.66 -16.41
N LYS C 79 -4.49 11.80 -16.76
CA LYS C 79 -3.04 12.04 -16.64
C LYS C 79 -2.64 12.66 -15.32
N GLU C 80 -3.61 13.22 -14.61
CA GLU C 80 -3.34 13.84 -13.33
C GLU C 80 -3.51 12.89 -12.20
N HIS C 81 -2.58 11.94 -12.12
CA HIS C 81 -2.60 10.92 -11.10
C HIS C 81 -2.54 11.46 -9.68
N ARG C 82 -1.75 12.51 -9.44
CA ARG C 82 -1.67 13.07 -8.10
C ARG C 82 -3.06 13.54 -7.64
N LYS C 83 -3.81 14.17 -8.54
CA LYS C 83 -5.13 14.67 -8.18
C LYS C 83 -6.11 13.50 -7.97
N ILE C 84 -5.99 12.47 -8.80
CA ILE C 84 -6.84 11.32 -8.70
C ILE C 84 -6.66 10.58 -7.37
N TYR C 85 -5.42 10.37 -6.95
CA TYR C 85 -5.19 9.69 -5.68
C TYR C 85 -5.86 10.46 -4.54
N THR C 86 -5.71 11.77 -4.56
CA THR C 86 -6.34 12.57 -3.51
C THR C 86 -7.86 12.43 -3.55
N MET C 87 -8.45 12.42 -4.73
CA MET C 87 -9.90 12.27 -4.82
C MET C 87 -10.34 10.89 -4.33
N ILE C 88 -9.51 9.89 -4.59
CA ILE C 88 -9.82 8.53 -4.14
C ILE C 88 -9.72 8.42 -2.62
N TYR C 89 -8.72 9.05 -2.03
CA TYR C 89 -8.54 8.99 -0.58
C TYR C 89 -9.71 9.59 0.22
N ARG C 90 -10.42 10.55 -0.39
CA ARG C 90 -11.60 11.18 0.23
C ARG C 90 -12.55 10.06 0.65
N ASN C 91 -12.61 9.06 -0.23
CA ASN C 91 -13.54 7.96 -0.09
C ASN C 91 -13.08 6.63 0.51
N LEU C 92 -12.01 6.64 1.29
CA LEU C 92 -11.58 5.39 1.87
C LEU C 92 -10.76 5.63 3.11
N VAL C 93 -10.52 4.56 3.85
CA VAL C 93 -9.73 4.58 5.08
C VAL C 93 -8.61 3.58 4.86
N VAL C 94 -7.40 3.94 5.28
CA VAL C 94 -6.27 3.05 5.11
C VAL C 94 -6.21 2.03 6.26
N VAL C 95 -6.01 0.78 5.89
CA VAL C 95 -5.93 -0.31 6.86
C VAL C 95 -4.50 -0.66 7.20
C17 2TZ D . 8.60 18.81 -1.05
C16 2TZ D . 9.86 18.21 -0.81
CL2 2TZ D . 10.94 18.69 0.43
C15 2TZ D . 10.31 17.15 -1.60
C14 2TZ D . 9.48 16.67 -2.62
C13 2TZ D . 8.20 17.24 -2.87
C6 2TZ D . 7.76 18.32 -2.09
C19 2TZ D . 6.38 18.93 -2.28
O6 2TZ D . 6.07 19.27 -3.62
C4 2TZ D . 4.87 20.03 -3.82
C21 2TZ D . 5.07 21.53 -3.70
C23 2TZ D . 5.95 22.15 -4.80
O3 2TZ D . 7.14 22.54 -4.30
O2 2TZ D . 5.63 22.28 -5.94
C5 2TZ D . 3.68 19.59 -2.95
O1 2TZ D . 2.59 20.09 -3.18
N1 2TZ D . 3.89 18.68 -1.95
C18 2TZ D . 2.73 18.11 -1.26
C20 2TZ D . 1.83 17.31 -2.20
C26 2TZ D . 5.23 18.20 -1.54
C7 2TZ D . 5.48 18.00 -0.05
C8 2TZ D . 5.46 19.08 0.87
C9 2TZ D . 5.68 18.86 2.24
C10 2TZ D . 5.95 17.57 2.70
CL1 2TZ D . 6.14 17.31 4.37
C11 2TZ D . 5.99 16.48 1.80
C12 2TZ D . 5.76 16.70 0.43
S1 2TZ D . 2.76 16.04 -3.02
O4 2TZ D . 3.54 15.32 -2.06
O5 2TZ D . 3.38 16.64 -4.17
C3 2TZ D . 1.48 14.91 -3.59
C1 2TZ D . 1.95 19.12 -0.39
C2 2TZ D . 1.20 18.52 0.75
C22 2TZ D . 2.21 13.93 -4.51
C24 2TZ D . 0.40 15.66 -4.40
C25 2TZ D . 0.96 14.18 -2.35
C17 2TZ E . 1.73 -23.42 -3.86
C16 2TZ E . 0.55 -22.82 -3.39
CL2 2TZ E . -0.37 -23.42 -2.14
C15 2TZ E . 0.01 -21.68 -3.88
C14 2TZ E . 0.66 -21.03 -4.92
C13 2TZ E . 1.86 -21.58 -5.44
C6 2TZ E . 2.41 -22.77 -4.92
C19 2TZ E . 3.71 -23.35 -5.41
O6 2TZ E . 3.82 -23.44 -6.82
C4 2TZ E . 4.94 -24.16 -7.36
C21 2TZ E . 4.66 -25.66 -7.45
C23 2TZ E . 3.48 -26.03 -8.38
O3 2TZ E . 2.40 -26.43 -7.70
O2 2TZ E . 3.50 -25.98 -9.55
C5 2TZ E . 6.26 -23.96 -6.59
O1 2TZ E . 7.29 -24.47 -7.02
N1 2TZ E . 6.22 -23.22 -5.43
C18 2TZ E . 7.51 -22.80 -4.83
C20 2TZ E . 8.37 -21.96 -5.79
C26 2TZ E . 4.98 -22.79 -4.75
C7 2TZ E . 4.97 -22.87 -3.24
C8 2TZ E . 5.07 -24.10 -2.56
C9 2TZ E . 5.09 -24.13 -1.15
C10 2TZ E . 5.01 -22.91 -0.44
CL1 2TZ E . 5.13 -22.89 1.28
C11 2TZ E . 4.90 -21.68 -1.09
C12 2TZ E . 4.88 -21.66 -2.51
S1 2TZ E . 7.47 -20.51 -6.26
O4 2TZ E . 6.79 -19.99 -5.10
O5 2TZ E . 6.64 -20.83 -7.37
C3 2TZ E . 8.66 -19.35 -6.78
C1 2TZ E . 8.29 -23.97 -4.29
C2 2TZ E . 9.05 -23.64 -3.03
C22 2TZ E . 7.91 -18.11 -7.34
C24 2TZ E . 9.57 -20.04 -7.79
C25 2TZ E . 9.45 -18.91 -5.54
C17 2TZ F . -4.30 6.60 -12.95
C16 2TZ F . -3.81 6.41 -11.65
CL2 2TZ F . -3.95 7.58 -10.43
C15 2TZ F . -3.16 5.25 -11.25
C14 2TZ F . -3.00 4.23 -12.17
C13 2TZ F . -3.48 4.36 -13.48
C6 2TZ F . -4.14 5.54 -13.89
C19 2TZ F . -4.70 5.73 -15.29
O6 2TZ F . -3.75 5.47 -16.33
C4 2TZ F . -4.20 5.78 -17.65
C21 2TZ F . -3.91 7.19 -18.12
C23 2TZ F . -2.43 7.44 -18.43
O3 2TZ F . -1.81 8.05 -17.39
O2 2TZ F . -1.88 7.13 -19.45
C5 2TZ F . -5.68 5.54 -17.93
O1 2TZ F . -6.06 5.81 -19.07
N1 2TZ F . -6.48 5.05 -16.91
C18 2TZ F . -7.79 4.47 -17.22
C20 2TZ F . -7.69 3.42 -18.33
C26 2TZ F . -6.07 5.05 -15.50
C7 2TZ F . -7.13 5.45 -14.48
C8 2TZ F . -7.67 6.74 -14.49
C9 2TZ F . -8.61 7.10 -13.49
C10 2TZ F . -9.01 6.20 -12.51
CL1 2TZ F . -10.13 6.82 -11.31
C11 2TZ F . -8.48 4.89 -12.49
C12 2TZ F . -7.55 4.53 -13.49
S1 2TZ F . -6.54 2.16 -17.99
O4 2TZ F . -6.71 1.82 -16.60
O5 2TZ F . -5.24 2.59 -18.37
C3 2TZ F . -7.08 0.80 -19.02
C1 2TZ F . -8.84 5.52 -17.56
C2 2TZ F . -10.26 5.01 -17.27
C22 2TZ F . -5.94 -0.20 -18.97
C24 2TZ F . -7.32 1.34 -20.43
C25 2TZ F . -8.37 0.22 -18.40
#